data_6CG9
#
_entry.id   6CG9
#
_cell.length_a   68.430
_cell.length_b   49.400
_cell.length_c   74.600
_cell.angle_alpha   90.00
_cell.angle_beta   92.23
_cell.angle_gamma   90.00
#
_symmetry.space_group_name_H-M   'P 1 21 1'
#
loop_
_entity.id
_entity.type
_entity.pdbx_description
1 polymer 'Triosephosphate isomerase, cytosolic'
2 non-polymer GLYCEROL
3 non-polymer 'ACETATE ION'
4 water water
#
_entity_poly.entity_id   1
_entity_poly.type   'polypeptide(L)'
_entity_poly.pdbx_seq_one_letter_code
;GSHMGRKFFVGGNWKCNGTTDQVEKIVKTLNEGQVPPSDVVEVVVSPPYVFLPVVKSQLRQEFHVAAQNCWVKKGGAFTG
EVSAEMLVNLGVPWVILGHSERRALLGESNEFVGDKVAYALSQGLKVIACVGETLEQREAGSTMDVVAAQTKAIAEKIKD
WSNVVVAYEPVWAIGTGKVATPAQAQEVHASLRDWLKTNASPEVAESTRIIYGGSVTAANCKELAAQPDVDGFLVGGASL
KPEFIDIINAATVKSA
;
_entity_poly.pdbx_strand_id   A,B
#
# COMPACT_ATOMS: atom_id res chain seq x y z
N GLY A 5 34.84 7.12 -7.95
CA GLY A 5 34.01 8.32 -7.93
C GLY A 5 32.64 8.06 -7.35
N ARG A 6 31.83 7.28 -8.07
CA ARG A 6 30.48 6.94 -7.62
C ARG A 6 30.50 5.51 -7.07
N LYS A 7 29.99 5.32 -5.86
CA LYS A 7 30.00 4.00 -5.24
C LYS A 7 28.93 3.12 -5.90
N PHE A 8 29.34 1.94 -6.35
CA PHE A 8 28.44 0.98 -7.00
C PHE A 8 27.26 0.65 -6.08
N PHE A 9 26.06 0.62 -6.66
CA PHE A 9 24.81 0.52 -5.90
C PHE A 9 23.98 -0.66 -6.41
N VAL A 10 23.60 -1.57 -5.52
CA VAL A 10 22.75 -2.68 -5.93
C VAL A 10 21.49 -2.75 -5.08
N GLY A 11 20.35 -2.54 -5.73
CA GLY A 11 19.06 -2.60 -5.06
C GLY A 11 18.31 -3.83 -5.52
N GLY A 12 17.64 -4.50 -4.58
CA GLY A 12 16.82 -5.66 -4.91
C GLY A 12 15.36 -5.34 -4.63
N ASN A 13 14.57 -5.28 -5.71
CA ASN A 13 13.14 -5.02 -5.60
C ASN A 13 12.35 -6.34 -5.62
N TRP A 14 11.84 -6.74 -4.46
CA TRP A 14 11.14 -8.00 -4.33
C TRP A 14 9.78 -7.96 -4.99
N LYS A 15 9.31 -6.75 -5.26
CA LYS A 15 7.94 -6.51 -5.74
C LYS A 15 6.91 -7.16 -4.82
N CYS A 16 5.77 -7.55 -5.40
CA CYS A 16 4.68 -8.11 -4.60
C CYS A 16 4.86 -9.62 -4.44
N ASN A 17 5.93 -10.01 -3.75
CA ASN A 17 6.28 -11.41 -3.54
C ASN A 17 6.73 -11.64 -2.11
N GLY A 18 6.52 -12.85 -1.60
CA GLY A 18 6.97 -13.17 -0.27
C GLY A 18 5.94 -13.90 0.57
N THR A 19 6.43 -14.90 1.28
CA THR A 19 5.71 -15.60 2.33
C THR A 19 6.66 -15.64 3.52
N THR A 20 6.17 -15.95 4.71
CA THR A 20 7.05 -15.89 5.88
C THR A 20 8.21 -16.87 5.74
N ASP A 21 7.94 -18.03 5.16
CA ASP A 21 8.99 -19.02 4.98
C ASP A 21 10.00 -18.61 3.89
N GLN A 22 9.51 -18.05 2.79
CA GLN A 22 10.37 -17.62 1.70
C GLN A 22 11.27 -16.47 2.14
N VAL A 23 10.68 -15.52 2.86
CA VAL A 23 11.43 -14.38 3.40
C VAL A 23 12.52 -14.89 4.36
N GLU A 24 12.18 -15.85 5.21
CA GLU A 24 13.16 -16.46 6.11
C GLU A 24 14.37 -16.99 5.31
N LYS A 25 14.07 -17.69 4.22
CA LYS A 25 15.12 -18.29 3.39
C LYS A 25 15.96 -17.24 2.65
N ILE A 26 15.30 -16.24 2.09
CA ILE A 26 16.03 -15.17 1.41
C ILE A 26 16.98 -14.43 2.34
N VAL A 27 16.51 -14.11 3.54
CA VAL A 27 17.35 -13.37 4.49
C VAL A 27 18.56 -14.22 4.91
N LYS A 28 18.32 -15.51 5.13
CA LYS A 28 19.41 -16.44 5.43
C LYS A 28 20.47 -16.41 4.33
N THR A 29 20.03 -16.46 3.09
CA THR A 29 20.95 -16.47 1.96
C THR A 29 21.72 -15.14 1.86
N LEU A 30 21.01 -14.03 2.06
CA LEU A 30 21.65 -12.72 2.03
C LEU A 30 22.72 -12.63 3.11
N ASN A 31 22.38 -13.10 4.31
CA ASN A 31 23.27 -12.98 5.46
C ASN A 31 24.52 -13.84 5.35
N GLU A 32 24.39 -14.97 4.65
CA GLU A 32 25.49 -15.89 4.49
C GLU A 32 26.30 -15.60 3.23
N GLY A 33 25.84 -14.63 2.45
CA GLY A 33 26.47 -14.30 1.19
C GLY A 33 27.83 -13.65 1.30
N GLN A 34 28.75 -14.12 0.46
CA GLN A 34 30.09 -13.54 0.34
C GLN A 34 30.07 -12.37 -0.65
N VAL A 35 30.23 -11.16 -0.15
CA VAL A 35 30.12 -9.95 -1.00
C VAL A 35 31.27 -8.97 -0.76
N PRO A 36 31.49 -8.03 -1.68
CA PRO A 36 32.51 -6.99 -1.46
C PRO A 36 32.19 -6.15 -0.22
N PRO A 37 33.19 -5.46 0.33
CA PRO A 37 33.00 -4.60 1.50
C PRO A 37 32.10 -3.40 1.21
N SER A 38 31.64 -2.72 2.25
CA SER A 38 30.65 -1.66 2.10
C SER A 38 31.22 -0.40 1.45
N ASP A 39 32.54 -0.26 1.39
CA ASP A 39 33.11 0.90 0.70
C ASP A 39 33.20 0.64 -0.80
N VAL A 40 32.98 -0.62 -1.19
CA VAL A 40 33.00 -0.99 -2.61
C VAL A 40 31.57 -1.03 -3.19
N VAL A 41 30.62 -1.47 -2.39
CA VAL A 41 29.25 -1.60 -2.90
C VAL A 41 28.22 -1.26 -1.83
N GLU A 42 27.17 -0.57 -2.26
CA GLU A 42 26.05 -0.19 -1.42
C GLU A 42 24.85 -1.06 -1.76
N VAL A 43 24.35 -1.83 -0.80
CA VAL A 43 23.30 -2.82 -1.06
C VAL A 43 22.02 -2.48 -0.31
N VAL A 44 20.92 -2.51 -1.05
CA VAL A 44 19.61 -2.13 -0.51
C VAL A 44 18.59 -3.17 -0.95
N VAL A 45 17.81 -3.70 -0.01
CA VAL A 45 16.81 -4.69 -0.38
C VAL A 45 15.41 -4.18 -0.05
N SER A 46 14.44 -4.49 -0.91
CA SER A 46 13.11 -3.88 -0.78
C SER A 46 11.97 -4.90 -0.74
N PRO A 47 11.61 -5.34 0.46
CA PRO A 47 10.47 -6.25 0.66
C PRO A 47 9.16 -5.47 0.60
N PRO A 48 8.03 -6.18 0.49
CA PRO A 48 6.71 -5.59 0.67
C PRO A 48 6.60 -4.97 2.05
N TYR A 49 5.69 -4.02 2.21
CA TYR A 49 5.57 -3.28 3.47
C TYR A 49 5.54 -4.21 4.69
N VAL A 50 4.75 -5.27 4.56
CA VAL A 50 4.43 -6.14 5.70
C VAL A 50 5.62 -6.96 6.16
N PHE A 51 6.64 -7.07 5.31
CA PHE A 51 7.86 -7.80 5.65
C PHE A 51 9.02 -6.86 6.03
N LEU A 52 8.80 -5.55 5.95
CA LEU A 52 9.86 -4.62 6.34
C LEU A 52 10.31 -4.84 7.80
N PRO A 53 9.37 -5.05 8.75
CA PRO A 53 9.86 -5.26 10.12
C PRO A 53 10.76 -6.50 10.28
N VAL A 54 10.33 -7.65 9.78
CA VAL A 54 11.10 -8.86 10.00
C VAL A 54 12.43 -8.82 9.23
N VAL A 55 12.43 -8.22 8.04
CA VAL A 55 13.66 -8.15 7.28
C VAL A 55 14.63 -7.18 7.94
N LYS A 56 14.12 -6.03 8.39
CA LYS A 56 14.99 -5.02 8.98
C LYS A 56 15.65 -5.55 10.25
N SER A 57 14.96 -6.42 10.97
CA SER A 57 15.46 -6.91 12.24
C SER A 57 16.46 -8.06 12.08
N GLN A 58 16.37 -8.77 10.95
CA GLN A 58 17.18 -9.97 10.73
C GLN A 58 18.35 -9.75 9.77
N LEU A 59 18.28 -8.70 8.96
CA LEU A 59 19.22 -8.49 7.88
C LEU A 59 20.57 -7.97 8.35
N ARG A 60 21.66 -8.52 7.78
CA ARG A 60 23.01 -8.06 8.06
C ARG A 60 23.13 -6.55 7.95
N GLN A 61 23.98 -5.96 8.79
CA GLN A 61 23.98 -4.51 8.91
C GLN A 61 24.62 -3.76 7.74
N GLU A 62 25.36 -4.46 6.89
CA GLU A 62 25.88 -3.83 5.68
C GLU A 62 24.75 -3.56 4.69
N PHE A 63 23.68 -4.35 4.77
CA PHE A 63 22.57 -4.23 3.82
C PHE A 63 21.46 -3.42 4.48
N HIS A 64 20.82 -2.54 3.71
CA HIS A 64 19.78 -1.71 4.28
C HIS A 64 18.46 -1.98 3.56
N VAL A 65 17.34 -1.62 4.19
CA VAL A 65 16.04 -1.90 3.58
C VAL A 65 15.38 -0.66 2.98
N ALA A 66 14.55 -0.91 1.98
CA ALA A 66 13.79 0.12 1.29
C ALA A 66 12.33 -0.28 1.22
N ALA A 67 11.43 0.70 1.38
CA ALA A 67 10.04 0.47 1.03
C ALA A 67 9.89 0.60 -0.47
N GLN A 68 8.85 -0.02 -1.01
CA GLN A 68 8.63 -0.03 -2.47
C GLN A 68 7.81 1.15 -2.95
N ASN A 69 7.36 1.99 -2.01
CA ASN A 69 6.50 3.14 -2.30
C ASN A 69 6.29 3.89 -1.00
N CYS A 70 5.82 5.13 -1.09
CA CYS A 70 5.28 5.83 0.06
C CYS A 70 4.30 6.89 -0.44
N TRP A 71 3.56 7.50 0.49
CA TRP A 71 2.53 8.47 0.13
C TRP A 71 3.18 9.81 -0.31
N VAL A 72 2.42 10.62 -1.04
CA VAL A 72 2.93 11.85 -1.64
C VAL A 72 3.11 13.02 -0.65
N LYS A 73 2.51 12.90 0.54
CA LYS A 73 2.62 13.96 1.55
C LYS A 73 2.42 13.45 2.96
N LYS A 74 2.22 14.39 3.88
CA LYS A 74 2.02 14.09 5.29
C LYS A 74 0.91 13.06 5.48
N GLY A 75 1.09 12.17 6.45
CA GLY A 75 0.08 11.18 6.80
C GLY A 75 -1.22 11.77 7.35
N GLY A 76 -2.16 10.89 7.67
CA GLY A 76 -3.48 11.31 8.12
C GLY A 76 -4.55 10.46 7.46
N ALA A 77 -5.56 11.11 6.90
CA ALA A 77 -6.74 10.42 6.37
C ALA A 77 -6.50 9.88 4.95
N PHE A 78 -5.61 8.90 4.87
CA PHE A 78 -5.23 8.27 3.62
C PHE A 78 -5.19 6.76 3.79
N THR A 79 -6.38 6.17 3.94
CA THR A 79 -6.51 4.74 4.18
C THR A 79 -5.73 3.91 3.15
N GLY A 80 -4.89 3.01 3.65
CA GLY A 80 -4.11 2.12 2.80
C GLY A 80 -2.72 2.61 2.47
N GLU A 81 -2.41 3.87 2.76
CA GLU A 81 -1.12 4.43 2.39
C GLU A 81 -0.16 4.42 3.55
N VAL A 82 1.13 4.45 3.23
CA VAL A 82 2.21 4.49 4.21
C VAL A 82 3.00 5.77 3.98
N SER A 83 3.11 6.59 5.02
CA SER A 83 3.75 7.89 4.84
C SER A 83 5.27 7.80 4.95
N ALA A 84 5.96 8.78 4.40
CA ALA A 84 7.41 8.87 4.51
C ALA A 84 7.83 9.01 5.98
N GLU A 85 7.14 9.83 6.76
CA GLU A 85 7.57 10.01 8.15
C GLU A 85 7.32 8.74 8.96
N MET A 86 6.34 7.96 8.53
CA MET A 86 6.09 6.68 9.17
C MET A 86 7.28 5.74 8.93
N LEU A 87 7.77 5.72 7.70
CA LEU A 87 8.91 4.86 7.36
C LEU A 87 10.15 5.31 8.11
N VAL A 88 10.34 6.63 8.19
CA VAL A 88 11.52 7.16 8.84
C VAL A 88 11.46 6.81 10.31
N ASN A 89 10.27 6.94 10.90
CA ASN A 89 10.09 6.58 12.32
C ASN A 89 10.45 5.13 12.58
N LEU A 90 10.14 4.29 11.61
CA LEU A 90 10.39 2.86 11.72
C LEU A 90 11.86 2.50 11.52
N GLY A 91 12.64 3.47 11.03
CA GLY A 91 14.05 3.23 10.79
C GLY A 91 14.36 2.68 9.40
N VAL A 92 13.41 2.85 8.47
CA VAL A 92 13.61 2.44 7.08
C VAL A 92 14.31 3.58 6.35
N PRO A 93 15.50 3.33 5.79
CA PRO A 93 16.24 4.48 5.28
C PRO A 93 15.98 4.82 3.81
N TRP A 94 15.44 3.88 3.04
CA TRP A 94 15.28 4.04 1.59
C TRP A 94 13.84 3.85 1.13
N VAL A 95 13.49 4.43 -0.02
CA VAL A 95 12.23 4.16 -0.67
C VAL A 95 12.42 4.18 -2.21
N ILE A 96 11.74 3.26 -2.88
CA ILE A 96 11.63 3.25 -4.35
C ILE A 96 10.43 4.09 -4.78
N LEU A 97 10.64 5.03 -5.68
CA LEU A 97 9.53 5.88 -6.11
C LEU A 97 9.46 5.93 -7.64
N GLY A 98 8.24 5.91 -8.15
CA GLY A 98 8.05 6.05 -9.58
C GLY A 98 8.35 4.81 -10.39
N HIS A 99 8.35 3.65 -9.74
CA HIS A 99 8.55 2.41 -10.45
C HIS A 99 7.57 2.28 -11.62
N SER A 100 8.06 1.74 -12.73
CA SER A 100 7.25 1.68 -13.94
C SER A 100 5.91 0.98 -13.73
N GLU A 101 5.85 0.02 -12.81
CA GLU A 101 4.60 -0.68 -12.53
C GLU A 101 3.57 0.25 -11.90
N ARG A 102 4.04 1.19 -11.09
CA ARG A 102 3.12 2.12 -10.45
C ARG A 102 2.71 3.22 -11.41
N ARG A 103 3.65 3.65 -12.26
CA ARG A 103 3.31 4.64 -13.29
C ARG A 103 2.27 4.07 -14.25
N ALA A 104 2.42 2.79 -14.59
CA ALA A 104 1.56 2.20 -15.61
C ALA A 104 0.24 1.69 -15.03
N LEU A 105 0.30 0.94 -13.93
CA LEU A 105 -0.87 0.22 -13.44
C LEU A 105 -1.64 0.97 -12.36
N LEU A 106 -0.97 1.89 -11.68
CA LEU A 106 -1.61 2.68 -10.64
C LEU A 106 -1.70 4.16 -11.04
N GLY A 107 -1.39 4.44 -12.31
CA GLY A 107 -1.58 5.78 -12.85
C GLY A 107 -0.77 6.91 -12.24
N GLU A 108 0.42 6.61 -11.72
CA GLU A 108 1.26 7.64 -11.12
C GLU A 108 1.84 8.56 -12.20
N SER A 109 1.53 9.84 -12.14
CA SER A 109 2.01 10.79 -13.15
C SER A 109 3.43 11.23 -12.87
N ASN A 110 4.06 11.88 -13.84
CA ASN A 110 5.40 12.46 -13.65
C ASN A 110 5.43 13.41 -12.46
N GLU A 111 4.42 14.27 -12.41
CA GLU A 111 4.31 15.29 -11.38
C GLU A 111 4.10 14.65 -10.01
N PHE A 112 3.19 13.67 -9.95
CA PHE A 112 2.92 12.92 -8.72
C PHE A 112 4.22 12.29 -8.18
N VAL A 113 5.01 11.68 -9.07
CA VAL A 113 6.27 11.05 -8.66
C VAL A 113 7.25 12.10 -8.15
N GLY A 114 7.36 13.22 -8.88
CA GLY A 114 8.23 14.31 -8.47
C GLY A 114 7.90 14.83 -7.08
N ASP A 115 6.61 15.00 -6.81
CA ASP A 115 6.16 15.44 -5.48
C ASP A 115 6.48 14.41 -4.40
N LYS A 116 6.36 13.11 -4.73
CA LYS A 116 6.70 12.05 -3.78
C LYS A 116 8.18 12.09 -3.44
N VAL A 117 9.01 12.24 -4.44
CA VAL A 117 10.45 12.27 -4.20
C VAL A 117 10.81 13.43 -3.29
N ALA A 118 10.27 14.61 -3.59
CA ALA A 118 10.58 15.79 -2.79
C ALA A 118 10.11 15.60 -1.35
N TYR A 119 8.92 15.03 -1.17
CA TYR A 119 8.39 14.90 0.18
C TYR A 119 9.21 13.86 0.95
N ALA A 120 9.51 12.73 0.29
CA ALA A 120 10.29 11.68 0.93
C ALA A 120 11.64 12.21 1.40
N LEU A 121 12.32 12.98 0.55
CA LEU A 121 13.60 13.56 0.91
C LEU A 121 13.46 14.49 2.11
N SER A 122 12.38 15.26 2.14
CA SER A 122 12.17 16.24 3.21
C SER A 122 12.02 15.59 4.58
N GLN A 123 11.58 14.35 4.61
CA GLN A 123 11.36 13.59 5.84
C GLN A 123 12.58 12.78 6.25
N GLY A 124 13.60 12.77 5.39
CA GLY A 124 14.84 12.09 5.73
C GLY A 124 15.08 10.76 5.05
N LEU A 125 14.21 10.38 4.12
CA LEU A 125 14.45 9.16 3.33
C LEU A 125 15.47 9.41 2.23
N LYS A 126 16.16 8.33 1.86
CA LYS A 126 16.95 8.28 0.64
C LYS A 126 16.07 7.65 -0.44
N VAL A 127 16.23 8.10 -1.69
CA VAL A 127 15.27 7.72 -2.73
C VAL A 127 15.90 7.07 -3.96
N ILE A 128 15.33 5.94 -4.36
CA ILE A 128 15.62 5.39 -5.68
C ILE A 128 14.49 5.87 -6.59
N ALA A 129 14.79 6.82 -7.47
CA ALA A 129 13.79 7.39 -8.37
C ALA A 129 13.85 6.73 -9.75
N CYS A 130 12.75 6.13 -10.19
CA CYS A 130 12.71 5.36 -11.43
C CYS A 130 12.16 6.14 -12.62
N VAL A 131 12.82 5.99 -13.76
CA VAL A 131 12.34 6.57 -15.01
C VAL A 131 12.44 5.50 -16.09
N GLY A 132 11.81 5.72 -17.24
CA GLY A 132 11.93 4.77 -18.33
C GLY A 132 10.82 4.88 -19.35
N GLU A 133 11.12 4.56 -20.61
CA GLU A 133 10.14 4.75 -21.67
C GLU A 133 9.60 3.40 -22.18
N THR A 134 8.41 3.44 -22.77
CA THR A 134 7.77 2.26 -23.34
C THR A 134 8.28 1.96 -24.75
N LEU A 135 7.90 0.80 -25.28
CA LEU A 135 8.26 0.44 -26.64
C LEU A 135 7.68 1.43 -27.64
N GLU A 136 6.43 1.82 -27.42
CA GLU A 136 5.81 2.79 -28.32
C GLU A 136 6.58 4.09 -28.33
N GLN A 137 7.00 4.53 -27.15
CA GLN A 137 7.73 5.78 -27.03
C GLN A 137 9.11 5.66 -27.67
N ARG A 138 9.78 4.53 -27.44
CA ARG A 138 11.08 4.30 -28.05
C ARG A 138 11.00 4.25 -29.58
N GLU A 139 10.00 3.56 -30.12
CA GLU A 139 9.93 3.40 -31.56
C GLU A 139 9.51 4.70 -32.24
N ALA A 140 8.82 5.55 -31.51
CA ALA A 140 8.48 6.89 -31.98
C ALA A 140 9.69 7.84 -31.96
N GLY A 141 10.82 7.36 -31.44
CA GLY A 141 12.01 8.18 -31.31
C GLY A 141 11.98 9.10 -30.10
N SER A 142 11.17 8.76 -29.10
CA SER A 142 10.96 9.67 -27.97
C SER A 142 11.64 9.27 -26.67
N THR A 143 12.63 8.37 -26.75
CA THR A 143 13.27 7.87 -25.54
C THR A 143 13.78 8.99 -24.63
N MET A 144 14.59 9.90 -25.16
CA MET A 144 15.16 10.93 -24.30
C MET A 144 14.14 12.00 -23.95
N ASP A 145 13.22 12.32 -24.86
CA ASP A 145 12.13 13.23 -24.56
C ASP A 145 11.35 12.77 -23.34
N VAL A 146 11.00 11.49 -23.32
CA VAL A 146 10.19 10.93 -22.24
C VAL A 146 10.99 10.86 -20.94
N VAL A 147 12.21 10.32 -21.03
CA VAL A 147 13.06 10.21 -19.83
C VAL A 147 13.42 11.59 -19.28
N ALA A 148 13.67 12.55 -20.17
CA ALA A 148 13.94 13.92 -19.75
C ALA A 148 12.76 14.51 -18.98
N ALA A 149 11.56 14.31 -19.53
CA ALA A 149 10.36 14.85 -18.89
C ALA A 149 10.14 14.22 -17.53
N GLN A 150 10.36 12.91 -17.43
CA GLN A 150 10.20 12.22 -16.15
C GLN A 150 11.19 12.75 -15.12
N THR A 151 12.44 12.93 -15.57
CA THR A 151 13.49 13.36 -14.66
C THR A 151 13.31 14.82 -14.28
N LYS A 152 12.87 15.64 -15.23
CA LYS A 152 12.63 17.05 -14.99
C LYS A 152 11.53 17.28 -13.97
N ALA A 153 10.49 16.44 -14.00
CA ALA A 153 9.40 16.55 -13.03
C ALA A 153 9.90 16.33 -11.60
N ILE A 154 10.95 15.53 -11.47
CA ILE A 154 11.61 15.34 -10.19
C ILE A 154 12.58 16.50 -9.88
N ALA A 155 13.42 16.85 -10.85
CA ALA A 155 14.43 17.91 -10.66
C ALA A 155 13.82 19.25 -10.27
N GLU A 156 12.68 19.57 -10.89
CA GLU A 156 11.94 20.79 -10.59
C GLU A 156 11.52 20.93 -9.13
N LYS A 157 11.44 19.80 -8.44
CA LYS A 157 10.86 19.76 -7.09
C LYS A 157 11.89 19.55 -5.98
N ILE A 158 13.12 19.21 -6.35
CA ILE A 158 14.17 19.01 -5.36
C ILE A 158 15.36 19.91 -5.64
N LYS A 159 16.18 20.16 -4.63
CA LYS A 159 17.41 20.90 -4.88
C LYS A 159 18.60 20.28 -4.17
N ASP A 160 18.44 19.03 -3.74
CA ASP A 160 19.54 18.25 -3.20
C ASP A 160 19.48 16.83 -3.77
N TRP A 161 20.53 16.42 -4.48
CA TRP A 161 20.57 15.11 -5.12
C TRP A 161 21.41 14.12 -4.34
N SER A 162 21.97 14.56 -3.21
CA SER A 162 22.94 13.72 -2.49
C SER A 162 22.35 12.38 -2.04
N ASN A 163 21.04 12.35 -1.79
CA ASN A 163 20.39 11.12 -1.34
C ASN A 163 19.44 10.57 -2.39
N VAL A 164 19.73 10.85 -3.65
CA VAL A 164 18.93 10.31 -4.75
C VAL A 164 19.78 9.36 -5.58
N VAL A 165 19.18 8.22 -5.93
CA VAL A 165 19.72 7.33 -6.95
C VAL A 165 18.69 7.27 -8.07
N VAL A 166 19.13 7.40 -9.33
CA VAL A 166 18.21 7.33 -10.46
C VAL A 166 18.28 5.94 -11.08
N ALA A 167 17.12 5.30 -11.27
CA ALA A 167 17.07 3.99 -11.91
C ALA A 167 16.41 4.11 -13.27
N TYR A 168 17.11 3.64 -14.30
CA TYR A 168 16.53 3.59 -15.64
C TYR A 168 15.91 2.23 -15.91
N GLU A 169 14.62 2.22 -16.22
CA GLU A 169 13.92 1.01 -16.59
C GLU A 169 13.62 0.97 -18.08
N PRO A 170 14.23 0.03 -18.82
CA PRO A 170 13.85 -0.10 -20.22
C PRO A 170 12.50 -0.78 -20.36
N VAL A 171 11.42 -0.05 -20.16
CA VAL A 171 10.08 -0.64 -20.12
C VAL A 171 9.74 -1.26 -21.48
N TRP A 172 10.39 -0.74 -22.51
CA TRP A 172 10.26 -1.26 -23.87
C TRP A 172 10.74 -2.70 -24.05
N ALA A 173 11.45 -3.24 -23.07
CA ALA A 173 11.91 -4.62 -23.16
C ALA A 173 11.10 -5.56 -22.27
N ILE A 174 10.00 -5.05 -21.72
CA ILE A 174 9.14 -5.83 -20.83
C ILE A 174 7.95 -6.37 -21.59
N GLY A 175 7.88 -7.68 -21.78
CA GLY A 175 6.75 -8.29 -22.45
C GLY A 175 6.71 -8.12 -23.96
N THR A 176 7.81 -7.64 -24.52
CA THR A 176 7.92 -7.38 -25.94
C THR A 176 8.91 -8.37 -26.58
N GLY A 177 9.18 -8.19 -27.87
CA GLY A 177 10.13 -9.06 -28.54
C GLY A 177 11.56 -8.58 -28.42
N LYS A 178 11.78 -7.54 -27.62
CA LYS A 178 13.07 -6.86 -27.55
C LYS A 178 13.87 -7.19 -26.30
N VAL A 179 15.17 -7.29 -26.47
CA VAL A 179 16.09 -7.45 -25.35
C VAL A 179 16.87 -6.14 -25.20
N ALA A 180 16.92 -5.58 -24.00
CA ALA A 180 17.78 -4.43 -23.75
C ALA A 180 19.21 -4.89 -23.52
N THR A 181 20.12 -4.47 -24.40
CA THR A 181 21.50 -4.93 -24.34
C THR A 181 22.34 -3.96 -23.51
N PRO A 182 23.52 -4.40 -23.05
CA PRO A 182 24.41 -3.50 -22.31
C PRO A 182 24.78 -2.25 -23.11
N ALA A 183 24.99 -2.39 -24.41
CA ALA A 183 25.27 -1.23 -25.27
C ALA A 183 24.12 -0.23 -25.25
N GLN A 184 22.89 -0.75 -25.28
CA GLN A 184 21.69 0.08 -25.29
C GLN A 184 21.48 0.76 -23.94
N ALA A 185 21.79 0.03 -22.87
CA ALA A 185 21.73 0.57 -21.52
C ALA A 185 22.70 1.75 -21.39
N GLN A 186 23.94 1.51 -21.79
CA GLN A 186 24.97 2.53 -21.69
C GLN A 186 24.58 3.80 -22.43
N GLU A 187 23.98 3.63 -23.60
CA GLU A 187 23.60 4.78 -24.41
C GLU A 187 22.59 5.66 -23.67
N VAL A 188 21.59 5.04 -23.05
CA VAL A 188 20.62 5.82 -22.28
C VAL A 188 21.24 6.42 -21.03
N HIS A 189 22.09 5.67 -20.35
CA HIS A 189 22.68 6.15 -19.09
C HIS A 189 23.55 7.38 -19.37
N ALA A 190 24.31 7.33 -20.46
CA ALA A 190 25.19 8.45 -20.82
C ALA A 190 24.34 9.66 -21.18
N SER A 191 23.25 9.44 -21.90
CA SER A 191 22.35 10.52 -22.28
C SER A 191 21.68 11.13 -21.06
N LEU A 192 21.27 10.29 -20.13
CA LEU A 192 20.65 10.77 -18.90
C LEU A 192 21.63 11.59 -18.07
N ARG A 193 22.87 11.12 -18.00
CA ARG A 193 23.88 11.82 -17.20
C ARG A 193 24.15 13.18 -17.82
N ASP A 194 24.13 13.24 -19.15
CA ASP A 194 24.32 14.51 -19.83
C ASP A 194 23.15 15.45 -19.55
N TRP A 195 21.95 14.88 -19.49
CA TRP A 195 20.77 15.69 -19.15
C TRP A 195 20.97 16.29 -17.77
N LEU A 196 21.43 15.48 -16.81
CA LEU A 196 21.68 15.96 -15.46
C LEU A 196 22.75 17.07 -15.44
N LYS A 197 23.78 16.93 -16.26
CA LYS A 197 24.85 17.92 -16.30
C LYS A 197 24.31 19.29 -16.72
N THR A 198 23.45 19.28 -17.74
CA THR A 198 22.89 20.48 -18.34
C THR A 198 21.76 21.12 -17.52
N ASN A 199 20.96 20.27 -16.87
CA ASN A 199 19.73 20.71 -16.24
C ASN A 199 19.77 20.77 -14.72
N ALA A 200 20.67 20.01 -14.11
CA ALA A 200 20.85 20.10 -12.66
C ALA A 200 22.14 20.86 -12.36
N SER A 201 23.26 20.20 -12.60
CA SER A 201 24.59 20.79 -12.54
C SER A 201 25.62 19.72 -12.93
N PRO A 202 26.83 20.15 -13.32
CA PRO A 202 27.88 19.17 -13.62
C PRO A 202 28.26 18.34 -12.40
N GLU A 203 28.20 18.95 -11.23
CA GLU A 203 28.49 18.24 -9.99
C GLU A 203 27.45 17.16 -9.71
N VAL A 204 26.17 17.47 -9.93
CA VAL A 204 25.12 16.46 -9.73
C VAL A 204 25.32 15.31 -10.73
N ALA A 205 25.63 15.63 -11.97
CA ALA A 205 25.83 14.59 -12.99
C ALA A 205 26.98 13.66 -12.63
N GLU A 206 28.05 14.24 -12.09
CA GLU A 206 29.25 13.48 -11.75
C GLU A 206 29.04 12.55 -10.57
N SER A 207 28.22 12.96 -9.61
CA SER A 207 28.16 12.25 -8.34
C SER A 207 26.92 11.37 -8.18
N THR A 208 25.90 11.58 -9.02
CA THR A 208 24.65 10.84 -8.90
C THR A 208 24.73 9.46 -9.52
N ARG A 209 24.43 8.43 -8.73
CA ARG A 209 24.40 7.08 -9.27
C ARG A 209 23.23 6.91 -10.21
N ILE A 210 23.50 6.35 -11.39
CA ILE A 210 22.44 5.97 -12.30
C ILE A 210 22.52 4.48 -12.47
N ILE A 211 21.53 3.78 -11.93
CA ILE A 211 21.54 2.33 -11.95
C ILE A 211 20.59 1.77 -13.00
N TYR A 212 20.91 0.58 -13.47
CA TYR A 212 20.14 -0.02 -14.52
C TYR A 212 19.03 -0.92 -13.96
N GLY A 213 17.79 -0.67 -14.37
CA GLY A 213 16.65 -1.39 -13.81
C GLY A 213 15.97 -2.33 -14.78
N GLY A 214 16.69 -2.74 -15.81
CA GLY A 214 16.20 -3.79 -16.71
C GLY A 214 16.44 -5.14 -16.08
N SER A 215 16.25 -6.20 -16.87
CA SER A 215 16.51 -7.55 -16.39
C SER A 215 18.00 -7.73 -16.07
N VAL A 216 18.30 -8.04 -14.82
CA VAL A 216 19.69 -8.27 -14.40
C VAL A 216 19.82 -9.68 -13.84
N THR A 217 20.80 -10.41 -14.35
CA THR A 217 21.02 -11.80 -13.97
C THR A 217 22.50 -11.99 -13.67
N ALA A 218 22.87 -13.15 -13.12
CA ALA A 218 24.29 -13.47 -12.95
C ALA A 218 24.96 -13.52 -14.32
N ALA A 219 24.19 -13.86 -15.35
CA ALA A 219 24.74 -14.03 -16.69
C ALA A 219 25.17 -12.71 -17.33
N ASN A 220 24.43 -11.63 -17.08
CA ASN A 220 24.74 -10.37 -17.75
C ASN A 220 25.23 -9.25 -16.83
N CYS A 221 25.30 -9.49 -15.52
CA CYS A 221 25.59 -8.40 -14.59
C CYS A 221 26.99 -7.81 -14.79
N LYS A 222 27.96 -8.65 -15.10
CA LYS A 222 29.34 -8.17 -15.22
C LYS A 222 29.50 -7.25 -16.43
N GLU A 223 28.91 -7.64 -17.56
CA GLU A 223 29.00 -6.80 -18.76
C GLU A 223 28.27 -5.48 -18.55
N LEU A 224 27.14 -5.53 -17.84
CA LEU A 224 26.43 -4.31 -17.51
C LEU A 224 27.26 -3.42 -16.60
N ALA A 225 27.85 -4.01 -15.57
CA ALA A 225 28.65 -3.25 -14.59
C ALA A 225 29.84 -2.55 -15.26
N ALA A 226 30.32 -3.13 -16.36
CA ALA A 226 31.47 -2.60 -17.07
C ALA A 226 31.17 -1.33 -17.88
N GLN A 227 29.90 -1.05 -18.16
CA GLN A 227 29.55 0.18 -18.88
C GLN A 227 29.86 1.40 -18.01
N PRO A 228 30.53 2.40 -18.60
CA PRO A 228 31.04 3.51 -17.78
C PRO A 228 29.96 4.34 -17.08
N ASP A 229 28.74 4.39 -17.61
CA ASP A 229 27.72 5.21 -16.97
C ASP A 229 26.64 4.41 -16.26
N VAL A 230 26.86 3.10 -16.17
CA VAL A 230 26.03 2.23 -15.36
C VAL A 230 26.68 2.10 -13.97
N ASP A 231 25.98 2.55 -12.94
CA ASP A 231 26.54 2.61 -11.59
C ASP A 231 26.00 1.54 -10.69
N GLY A 232 25.26 0.61 -11.26
CA GLY A 232 24.68 -0.46 -10.49
C GLY A 232 23.34 -0.89 -11.04
N PHE A 233 22.58 -1.56 -10.20
CA PHE A 233 21.36 -2.24 -10.63
C PHE A 233 20.19 -1.98 -9.70
N LEU A 234 18.99 -1.97 -10.27
CA LEU A 234 17.77 -2.22 -9.51
C LEU A 234 17.24 -3.56 -9.99
N VAL A 235 17.48 -4.60 -9.21
CA VAL A 235 17.23 -5.97 -9.63
C VAL A 235 15.79 -6.37 -9.38
N GLY A 236 15.18 -7.06 -10.35
CA GLY A 236 13.83 -7.56 -10.18
C GLY A 236 13.84 -8.98 -9.65
N GLY A 237 13.45 -9.93 -10.50
CA GLY A 237 13.25 -11.32 -10.09
C GLY A 237 14.42 -12.00 -9.41
N ALA A 238 15.63 -11.71 -9.86
CA ALA A 238 16.81 -12.35 -9.28
C ALA A 238 17.04 -11.89 -7.84
N SER A 239 16.36 -10.82 -7.42
CA SER A 239 16.55 -10.35 -6.05
C SER A 239 15.96 -11.34 -5.05
N LEU A 240 15.10 -12.24 -5.53
CA LEU A 240 14.49 -13.25 -4.66
C LEU A 240 15.34 -14.53 -4.58
N LYS A 241 16.44 -14.54 -5.33
CA LYS A 241 17.23 -15.74 -5.56
C LYS A 241 18.66 -15.64 -5.03
N PRO A 242 19.32 -16.78 -4.80
CA PRO A 242 20.73 -16.74 -4.37
C PRO A 242 21.63 -15.99 -5.34
N GLU A 243 21.19 -15.96 -6.61
CA GLU A 243 21.83 -15.24 -7.69
C GLU A 243 22.11 -13.77 -7.36
N PHE A 244 21.30 -13.21 -6.46
CA PHE A 244 21.47 -11.82 -6.06
C PHE A 244 22.87 -11.58 -5.50
N ILE A 245 23.43 -12.60 -4.85
CA ILE A 245 24.77 -12.48 -4.28
C ILE A 245 25.81 -12.31 -5.40
N ASP A 246 25.67 -13.11 -6.45
CA ASP A 246 26.54 -13.00 -7.62
C ASP A 246 26.42 -11.62 -8.27
N ILE A 247 25.21 -11.10 -8.34
CA ILE A 247 24.98 -9.77 -8.92
C ILE A 247 25.68 -8.68 -8.10
N ILE A 248 25.58 -8.75 -6.78
CA ILE A 248 26.28 -7.81 -5.92
C ILE A 248 27.78 -7.81 -6.21
N ASN A 249 28.33 -8.99 -6.46
CA ASN A 249 29.78 -9.12 -6.69
C ASN A 249 30.24 -8.54 -8.03
N ALA A 250 29.31 -8.16 -8.89
CA ALA A 250 29.68 -7.48 -10.14
C ALA A 250 30.26 -6.10 -9.84
N ALA A 251 30.14 -5.64 -8.59
CA ALA A 251 30.70 -4.34 -8.21
C ALA A 251 32.20 -4.25 -8.44
N THR A 252 32.89 -5.39 -8.40
CA THR A 252 34.35 -5.40 -8.53
C THR A 252 34.83 -5.25 -9.99
N VAL A 253 33.89 -5.21 -10.92
CA VAL A 253 34.20 -5.08 -12.34
C VAL A 253 34.82 -3.71 -12.68
N GLY B 1 -37.84 -14.73 9.64
CA GLY B 1 -37.33 -14.63 10.98
C GLY B 1 -36.55 -15.86 11.37
N SER B 2 -35.97 -16.54 10.38
CA SER B 2 -35.23 -17.77 10.63
C SER B 2 -33.80 -17.51 11.08
N HIS B 3 -33.23 -16.38 10.68
CA HIS B 3 -31.80 -16.20 10.86
C HIS B 3 -31.41 -15.85 12.28
N MET B 4 -30.27 -16.37 12.72
CA MET B 4 -29.70 -15.97 13.99
C MET B 4 -29.36 -14.50 13.90
N GLY B 5 -29.37 -13.81 15.04
CA GLY B 5 -29.11 -12.39 15.06
C GLY B 5 -27.72 -12.07 14.52
N ARG B 6 -27.54 -10.83 14.07
CA ARG B 6 -26.26 -10.36 13.57
C ARG B 6 -25.38 -9.92 14.73
N LYS B 7 -24.17 -10.43 14.80
CA LYS B 7 -23.24 -10.08 15.87
C LYS B 7 -22.73 -8.66 15.66
N PHE B 8 -22.77 -7.84 16.72
CA PHE B 8 -22.31 -6.46 16.63
C PHE B 8 -20.83 -6.42 16.26
N PHE B 9 -20.47 -5.50 15.38
CA PHE B 9 -19.14 -5.49 14.79
C PHE B 9 -18.53 -4.12 14.92
N VAL B 10 -17.33 -4.04 15.48
CA VAL B 10 -16.67 -2.76 15.65
C VAL B 10 -15.28 -2.85 15.03
N GLY B 11 -15.07 -2.06 14.00
CA GLY B 11 -13.76 -2.01 13.37
C GLY B 11 -13.12 -0.66 13.61
N GLY B 12 -11.81 -0.66 13.80
CA GLY B 12 -11.08 0.58 13.98
C GLY B 12 -10.12 0.79 12.83
N ASN B 13 -10.37 1.82 12.05
CA ASN B 13 -9.49 2.15 10.93
C ASN B 13 -8.49 3.22 11.36
N TRP B 14 -7.24 2.82 11.57
CA TRP B 14 -6.21 3.76 12.00
C TRP B 14 -5.77 4.71 10.90
N LYS B 15 -6.12 4.39 9.67
CA LYS B 15 -5.71 5.14 8.48
C LYS B 15 -4.19 5.29 8.42
N CYS B 16 -3.71 6.39 7.86
CA CYS B 16 -2.27 6.54 7.66
C CYS B 16 -1.66 7.25 8.88
N ASN B 17 -1.73 6.58 10.03
CA ASN B 17 -1.24 7.10 11.29
C ASN B 17 -0.50 6.02 12.06
N GLY B 18 0.45 6.42 12.87
CA GLY B 18 1.14 5.46 13.70
C GLY B 18 2.63 5.70 13.78
N THR B 19 3.15 5.60 15.01
CA THR B 19 4.59 5.52 15.21
C THR B 19 4.84 4.32 16.09
N THR B 20 6.08 3.86 16.15
CA THR B 20 6.43 2.71 16.97
C THR B 20 5.90 2.80 18.41
N ASP B 21 6.22 3.88 19.11
CA ASP B 21 5.83 4.00 20.52
C ASP B 21 4.33 4.25 20.66
N GLN B 22 3.73 4.98 19.71
CA GLN B 22 2.30 5.22 19.78
C GLN B 22 1.52 3.93 19.60
N VAL B 23 1.96 3.11 18.65
CA VAL B 23 1.29 1.86 18.38
C VAL B 23 1.43 0.92 19.59
N GLU B 24 2.59 0.91 20.24
CA GLU B 24 2.75 0.14 21.46
C GLU B 24 1.72 0.56 22.52
N LYS B 25 1.59 1.87 22.73
CA LYS B 25 0.64 2.44 23.69
C LYS B 25 -0.81 2.09 23.37
N ILE B 26 -1.19 2.25 22.10
CA ILE B 26 -2.55 1.96 21.68
C ILE B 26 -2.93 0.50 21.98
N VAL B 27 -2.04 -0.41 21.61
CA VAL B 27 -2.33 -1.83 21.81
C VAL B 27 -2.39 -2.18 23.31
N LYS B 28 -1.51 -1.58 24.11
CA LYS B 28 -1.57 -1.82 25.55
C LYS B 28 -2.91 -1.36 26.13
N THR B 29 -3.37 -0.20 25.68
CA THR B 29 -4.64 0.33 26.12
C THR B 29 -5.79 -0.59 25.70
N LEU B 30 -5.72 -1.12 24.48
CA LEU B 30 -6.74 -2.07 24.04
C LEU B 30 -6.70 -3.32 24.91
N ASN B 31 -5.49 -3.80 25.18
CA ASN B 31 -5.33 -5.04 25.94
C ASN B 31 -5.81 -4.89 27.38
N GLU B 32 -5.69 -3.69 27.93
CA GLU B 32 -6.09 -3.41 29.31
C GLU B 32 -7.58 -3.04 29.40
N GLY B 33 -8.24 -2.93 28.25
CA GLY B 33 -9.61 -2.46 28.21
C GLY B 33 -10.68 -3.46 28.62
N GLN B 34 -11.70 -2.99 29.35
CA GLN B 34 -12.85 -3.82 29.69
C GLN B 34 -13.94 -3.73 28.61
N VAL B 35 -14.20 -4.85 27.93
CA VAL B 35 -15.16 -4.89 26.84
C VAL B 35 -16.08 -6.09 26.98
N PRO B 36 -17.22 -6.11 26.24
CA PRO B 36 -18.07 -7.30 26.29
C PRO B 36 -17.34 -8.53 25.72
N PRO B 37 -17.86 -9.74 25.98
CA PRO B 37 -17.21 -10.96 25.48
C PRO B 37 -17.38 -11.13 23.98
N SER B 38 -16.61 -12.02 23.37
CA SER B 38 -16.57 -12.11 21.91
C SER B 38 -17.86 -12.69 21.32
N ASP B 39 -18.72 -13.27 22.14
CA ASP B 39 -20.01 -13.74 21.65
C ASP B 39 -20.98 -12.56 21.51
N VAL B 40 -20.63 -11.42 22.09
CA VAL B 40 -21.48 -10.22 22.02
C VAL B 40 -20.94 -9.20 21.02
N VAL B 41 -19.63 -9.15 20.83
CA VAL B 41 -19.04 -8.17 19.92
C VAL B 41 -17.82 -8.72 19.20
N GLU B 42 -17.72 -8.38 17.91
CA GLU B 42 -16.59 -8.77 17.08
C GLU B 42 -15.77 -7.54 16.83
N VAL B 43 -14.50 -7.56 17.20
CA VAL B 43 -13.65 -6.37 17.15
C VAL B 43 -12.48 -6.59 16.22
N VAL B 44 -12.27 -5.62 15.32
CA VAL B 44 -11.21 -5.68 14.34
C VAL B 44 -10.46 -4.34 14.34
N VAL B 45 -9.14 -4.38 14.37
CA VAL B 45 -8.36 -3.15 14.30
C VAL B 45 -7.46 -3.16 13.06
N SER B 46 -7.32 -2.00 12.43
CA SER B 46 -6.65 -1.95 11.14
C SER B 46 -5.51 -0.95 11.09
N PRO B 47 -4.30 -1.42 11.42
CA PRO B 47 -3.11 -0.57 11.36
C PRO B 47 -2.61 -0.45 9.94
N PRO B 48 -1.72 0.54 9.67
CA PRO B 48 -1.00 0.58 8.41
C PRO B 48 -0.21 -0.71 8.21
N TYR B 49 0.10 -1.04 6.95
CA TYR B 49 0.74 -2.30 6.62
C TYR B 49 1.96 -2.58 7.50
N VAL B 50 2.77 -1.55 7.69
CA VAL B 50 4.07 -1.74 8.31
C VAL B 50 3.95 -2.04 9.81
N PHE B 51 2.76 -1.82 10.38
CA PHE B 51 2.53 -2.10 11.79
C PHE B 51 1.69 -3.38 11.98
N LEU B 52 1.31 -4.05 10.89
CA LEU B 52 0.55 -5.29 11.03
C LEU B 52 1.32 -6.38 11.82
N PRO B 53 2.64 -6.55 11.57
CA PRO B 53 3.37 -7.55 12.36
C PRO B 53 3.35 -7.29 13.86
N VAL B 54 3.74 -6.10 14.30
CA VAL B 54 3.86 -5.84 15.73
C VAL B 54 2.48 -5.82 16.39
N VAL B 55 1.45 -5.33 15.70
CA VAL B 55 0.13 -5.32 16.30
C VAL B 55 -0.40 -6.74 16.44
N LYS B 56 -0.28 -7.55 15.40
CA LYS B 56 -0.72 -8.94 15.46
C LYS B 56 -0.05 -9.69 16.62
N SER B 57 1.22 -9.40 16.87
CA SER B 57 1.99 -10.14 17.87
C SER B 57 1.64 -9.74 19.30
N GLN B 58 1.11 -8.54 19.49
CA GLN B 58 0.86 -8.06 20.87
C GLN B 58 -0.62 -7.97 21.23
N LEU B 59 -1.49 -7.86 20.23
CA LEU B 59 -2.91 -7.62 20.47
C LEU B 59 -3.64 -8.80 21.11
N ARG B 60 -4.50 -8.51 22.09
CA ARG B 60 -5.29 -9.54 22.77
C ARG B 60 -6.00 -10.49 21.80
N GLN B 61 -6.10 -11.75 22.22
CA GLN B 61 -6.64 -12.85 21.41
C GLN B 61 -8.01 -12.59 20.78
N GLU B 62 -8.91 -11.96 21.54
CA GLU B 62 -10.28 -11.75 21.09
C GLU B 62 -10.37 -10.78 19.92
N PHE B 63 -9.37 -9.90 19.78
CA PHE B 63 -9.41 -8.87 18.74
C PHE B 63 -8.60 -9.36 17.56
N HIS B 64 -8.97 -8.97 16.34
CA HIS B 64 -8.21 -9.41 15.18
C HIS B 64 -7.82 -8.24 14.31
N VAL B 65 -6.81 -8.43 13.46
CA VAL B 65 -6.29 -7.31 12.68
C VAL B 65 -6.80 -7.35 11.24
N ALA B 66 -6.89 -6.16 10.65
CA ALA B 66 -7.25 -5.98 9.24
C ALA B 66 -6.20 -5.14 8.54
N ALA B 67 -5.91 -5.47 7.28
CA ALA B 67 -5.17 -4.55 6.42
C ALA B 67 -6.13 -3.50 5.92
N GLN B 68 -5.60 -2.34 5.53
CA GLN B 68 -6.45 -1.23 5.06
C GLN B 68 -6.71 -1.29 3.56
N ASN B 69 -6.15 -2.31 2.91
CA ASN B 69 -6.21 -2.45 1.45
C ASN B 69 -5.46 -3.72 1.05
N CYS B 70 -5.69 -4.18 -0.17
CA CYS B 70 -4.82 -5.19 -0.77
C CYS B 70 -4.94 -5.08 -2.28
N TRP B 71 -4.11 -5.85 -2.99
CA TRP B 71 -4.08 -5.77 -4.44
C TRP B 71 -5.31 -6.47 -5.07
N VAL B 72 -5.59 -6.17 -6.34
CA VAL B 72 -6.79 -6.67 -7.02
C VAL B 72 -6.70 -8.14 -7.46
N LYS B 73 -5.49 -8.69 -7.52
CA LYS B 73 -5.32 -10.05 -8.01
C LYS B 73 -4.08 -10.70 -7.41
N LYS B 74 -3.71 -11.85 -7.96
CA LYS B 74 -2.54 -12.58 -7.50
C LYS B 74 -1.30 -11.68 -7.50
N GLY B 75 -0.39 -11.93 -6.55
CA GLY B 75 0.85 -11.17 -6.46
C GLY B 75 1.80 -11.42 -7.62
N GLY B 76 2.92 -10.70 -7.61
CA GLY B 76 3.87 -10.72 -8.70
C GLY B 76 4.47 -9.35 -8.94
N ALA B 77 4.51 -8.92 -10.21
CA ALA B 77 5.20 -7.69 -10.60
C ALA B 77 4.36 -6.44 -10.35
N PHE B 78 4.10 -6.17 -9.08
CA PHE B 78 3.24 -5.06 -8.69
C PHE B 78 3.87 -4.30 -7.54
N THR B 79 4.92 -3.56 -7.89
CA THR B 79 5.74 -2.85 -6.91
C THR B 79 4.88 -1.96 -6.05
N GLY B 80 5.05 -2.09 -4.74
CA GLY B 80 4.32 -1.27 -3.79
C GLY B 80 3.01 -1.86 -3.29
N GLU B 81 2.56 -2.95 -3.91
CA GLU B 81 1.27 -3.52 -3.54
C GLU B 81 1.45 -4.76 -2.65
N VAL B 82 0.37 -5.10 -1.96
CA VAL B 82 0.35 -6.22 -1.01
C VAL B 82 -0.81 -7.13 -1.38
N SER B 83 -0.52 -8.41 -1.65
CA SER B 83 -1.55 -9.29 -2.17
C SER B 83 -2.38 -9.90 -1.05
N ALA B 84 -3.57 -10.35 -1.41
CA ALA B 84 -4.45 -11.02 -0.47
C ALA B 84 -3.77 -12.26 0.10
N GLU B 85 -3.11 -13.04 -0.76
CA GLU B 85 -2.54 -14.30 -0.30
C GLU B 85 -1.36 -14.03 0.64
N MET B 86 -0.70 -12.90 0.44
CA MET B 86 0.39 -12.48 1.32
C MET B 86 -0.17 -12.18 2.72
N LEU B 87 -1.29 -11.48 2.77
CA LEU B 87 -1.93 -11.17 4.05
C LEU B 87 -2.39 -12.45 4.76
N VAL B 88 -2.96 -13.38 4.00
CA VAL B 88 -3.40 -14.63 4.59
C VAL B 88 -2.21 -15.37 5.16
N ASN B 89 -1.12 -15.38 4.41
CA ASN B 89 0.11 -16.05 4.85
C ASN B 89 0.67 -15.44 6.16
N LEU B 90 0.56 -14.12 6.26
CA LEU B 90 1.02 -13.38 7.44
C LEU B 90 0.13 -13.58 8.65
N GLY B 91 -1.08 -14.10 8.41
CA GLY B 91 -2.04 -14.33 9.47
C GLY B 91 -2.88 -13.10 9.78
N VAL B 92 -3.14 -12.29 8.74
CA VAL B 92 -4.05 -11.16 8.83
C VAL B 92 -5.39 -11.60 8.26
N PRO B 93 -6.43 -11.68 9.11
CA PRO B 93 -7.69 -12.31 8.67
C PRO B 93 -8.65 -11.40 7.93
N TRP B 94 -8.53 -10.09 8.10
CA TRP B 94 -9.47 -9.12 7.53
C TRP B 94 -8.79 -8.14 6.58
N VAL B 95 -9.58 -7.59 5.66
CA VAL B 95 -9.12 -6.47 4.87
C VAL B 95 -10.26 -5.46 4.65
N ILE B 96 -9.90 -4.18 4.69
CA ILE B 96 -10.83 -3.09 4.35
C ILE B 96 -10.67 -2.79 2.86
N LEU B 97 -11.76 -2.77 2.12
CA LEU B 97 -11.70 -2.53 0.68
C LEU B 97 -12.73 -1.49 0.27
N GLY B 98 -12.35 -0.62 -0.65
CA GLY B 98 -13.25 0.39 -1.19
C GLY B 98 -13.45 1.58 -0.27
N HIS B 99 -12.53 1.78 0.67
CA HIS B 99 -12.67 2.95 1.55
C HIS B 99 -12.80 4.23 0.71
N SER B 100 -13.63 5.15 1.18
CA SER B 100 -13.92 6.38 0.43
C SER B 100 -12.67 7.16 0.05
N GLU B 101 -11.63 7.07 0.87
CA GLU B 101 -10.40 7.80 0.59
C GLU B 101 -9.68 7.19 -0.61
N ARG B 102 -9.81 5.89 -0.80
CA ARG B 102 -9.14 5.25 -1.93
C ARG B 102 -9.95 5.44 -3.21
N ARG B 103 -11.27 5.45 -3.07
CA ARG B 103 -12.11 5.72 -4.22
C ARG B 103 -11.86 7.14 -4.74
N ALA B 104 -11.77 8.09 -3.83
CA ALA B 104 -11.67 9.51 -4.21
C ALA B 104 -10.23 9.94 -4.55
N LEU B 105 -9.26 9.56 -3.73
CA LEU B 105 -7.91 10.08 -3.87
C LEU B 105 -6.98 9.17 -4.67
N LEU B 106 -7.28 7.87 -4.69
CA LEU B 106 -6.44 6.94 -5.43
C LEU B 106 -7.21 6.40 -6.64
N GLY B 107 -8.41 6.94 -6.86
CA GLY B 107 -9.18 6.66 -8.06
C GLY B 107 -9.61 5.23 -8.24
N GLU B 108 -9.87 4.53 -7.14
CA GLU B 108 -10.37 3.16 -7.22
C GLU B 108 -11.81 3.14 -7.72
N SER B 109 -12.03 2.48 -8.86
CA SER B 109 -13.37 2.43 -9.46
C SER B 109 -14.28 1.42 -8.80
N ASN B 110 -15.58 1.50 -9.08
CA ASN B 110 -16.52 0.50 -8.57
C ASN B 110 -16.13 -0.90 -8.93
N GLU B 111 -15.73 -1.11 -10.18
CA GLU B 111 -15.40 -2.47 -10.62
C GLU B 111 -14.08 -2.93 -10.00
N PHE B 112 -13.13 -2.01 -9.91
CA PHE B 112 -11.83 -2.31 -9.28
C PHE B 112 -12.04 -2.83 -7.86
N VAL B 113 -12.86 -2.11 -7.09
CA VAL B 113 -13.17 -2.53 -5.73
C VAL B 113 -13.90 -3.87 -5.73
N GLY B 114 -14.85 -4.06 -6.64
CA GLY B 114 -15.55 -5.33 -6.72
C GLY B 114 -14.62 -6.48 -7.02
N ASP B 115 -13.68 -6.28 -7.93
CA ASP B 115 -12.69 -7.32 -8.24
C ASP B 115 -11.81 -7.60 -7.02
N LYS B 116 -11.44 -6.54 -6.29
CA LYS B 116 -10.66 -6.70 -5.06
C LYS B 116 -11.40 -7.54 -4.04
N VAL B 117 -12.69 -7.23 -3.82
CA VAL B 117 -13.46 -7.98 -2.84
C VAL B 117 -13.55 -9.47 -3.23
N ALA B 118 -13.87 -9.75 -4.50
CA ALA B 118 -13.97 -11.14 -4.95
C ALA B 118 -12.65 -11.88 -4.77
N TYR B 119 -11.55 -11.21 -5.09
CA TYR B 119 -10.27 -11.89 -5.01
C TYR B 119 -9.86 -12.12 -3.56
N ALA B 120 -10.05 -11.11 -2.72
CA ALA B 120 -9.77 -11.25 -1.27
C ALA B 120 -10.53 -12.43 -0.67
N LEU B 121 -11.83 -12.51 -0.93
CA LEU B 121 -12.61 -13.63 -0.43
C LEU B 121 -12.09 -14.96 -0.96
N SER B 122 -11.69 -14.98 -2.23
CA SER B 122 -11.23 -16.24 -2.84
C SER B 122 -9.98 -16.80 -2.14
N GLN B 123 -9.20 -15.91 -1.53
CA GLN B 123 -7.98 -16.31 -0.83
C GLN B 123 -8.21 -16.62 0.64
N GLY B 124 -9.44 -16.43 1.11
CA GLY B 124 -9.81 -16.72 2.49
C GLY B 124 -9.85 -15.53 3.44
N LEU B 125 -9.69 -14.32 2.92
CA LEU B 125 -9.81 -13.13 3.74
C LEU B 125 -11.28 -12.83 4.03
N LYS B 126 -11.54 -12.18 5.17
CA LYS B 126 -12.84 -11.61 5.45
C LYS B 126 -12.76 -10.14 5.04
N VAL B 127 -13.86 -9.58 4.54
CA VAL B 127 -13.80 -8.25 3.92
C VAL B 127 -14.75 -7.24 4.55
N ILE B 128 -14.22 -6.06 4.88
CA ILE B 128 -15.07 -4.91 5.18
C ILE B 128 -15.17 -4.08 3.90
N ALA B 129 -16.31 -4.20 3.22
CA ALA B 129 -16.49 -3.53 1.94
C ALA B 129 -17.21 -2.19 2.15
N CYS B 130 -16.56 -1.11 1.73
CA CYS B 130 -17.06 0.25 2.00
C CYS B 130 -17.80 0.82 0.82
N VAL B 131 -18.92 1.48 1.10
CA VAL B 131 -19.72 2.18 0.10
C VAL B 131 -20.16 3.53 0.67
N GLY B 132 -20.67 4.43 -0.18
CA GLY B 132 -21.25 5.67 0.32
C GLY B 132 -21.16 6.81 -0.67
N GLU B 133 -22.01 7.82 -0.49
CA GLU B 133 -22.14 8.89 -1.49
C GLU B 133 -21.63 10.22 -0.95
N THR B 134 -21.20 11.08 -1.88
CA THR B 134 -20.71 12.42 -1.58
C THR B 134 -21.85 13.40 -1.36
N LEU B 135 -21.49 14.60 -0.92
CA LEU B 135 -22.50 15.64 -0.70
C LEU B 135 -23.22 15.99 -2.00
N GLU B 136 -22.45 16.10 -3.07
CA GLU B 136 -22.99 16.43 -4.39
C GLU B 136 -23.98 15.34 -4.82
N GLN B 137 -23.58 14.09 -4.66
CA GLN B 137 -24.43 12.98 -5.02
C GLN B 137 -25.71 12.96 -4.17
N ARG B 138 -25.56 13.22 -2.88
CA ARG B 138 -26.71 13.24 -1.99
C ARG B 138 -27.69 14.36 -2.36
N GLU B 139 -27.17 15.54 -2.69
CA GLU B 139 -28.05 16.67 -2.99
C GLU B 139 -28.70 16.51 -4.37
N ALA B 140 -28.12 15.64 -5.19
CA ALA B 140 -28.66 15.38 -6.52
C ALA B 140 -29.76 14.32 -6.44
N GLY B 141 -29.99 13.81 -5.24
CA GLY B 141 -31.00 12.79 -5.01
C GLY B 141 -30.50 11.40 -5.37
N SER B 142 -29.18 11.25 -5.40
CA SER B 142 -28.57 10.05 -5.97
C SER B 142 -28.00 9.09 -4.93
N THR B 143 -28.37 9.27 -3.65
CA THR B 143 -27.80 8.43 -2.60
C THR B 143 -27.90 6.94 -2.91
N MET B 144 -29.11 6.45 -3.20
CA MET B 144 -29.23 5.02 -3.43
C MET B 144 -28.79 4.61 -4.84
N ASP B 145 -28.84 5.53 -5.81
CA ASP B 145 -28.29 5.22 -7.13
C ASP B 145 -26.80 4.92 -7.02
N VAL B 146 -26.11 5.75 -6.27
CA VAL B 146 -24.66 5.61 -6.09
C VAL B 146 -24.32 4.37 -5.26
N VAL B 147 -24.99 4.19 -4.13
CA VAL B 147 -24.71 3.05 -3.26
C VAL B 147 -25.10 1.73 -3.96
N ALA B 148 -26.20 1.74 -4.72
CA ALA B 148 -26.56 0.56 -5.50
C ALA B 148 -25.48 0.21 -6.51
N ALA B 149 -24.97 1.20 -7.22
CA ALA B 149 -23.94 0.95 -8.22
C ALA B 149 -22.68 0.39 -7.58
N GLN B 150 -22.30 0.94 -6.43
CA GLN B 150 -21.12 0.46 -5.72
C GLN B 150 -21.32 -0.97 -5.23
N THR B 151 -22.51 -1.25 -4.72
CA THR B 151 -22.76 -2.55 -4.11
C THR B 151 -22.97 -3.60 -5.19
N LYS B 152 -23.59 -3.22 -6.30
CA LYS B 152 -23.78 -4.11 -7.45
C LYS B 152 -22.45 -4.62 -7.97
N ALA B 153 -21.45 -3.73 -8.02
CA ALA B 153 -20.14 -4.09 -8.56
C ALA B 153 -19.47 -5.18 -7.74
N ILE B 154 -19.81 -5.25 -6.45
CA ILE B 154 -19.37 -6.32 -5.58
C ILE B 154 -20.27 -7.54 -5.74
N ALA B 155 -21.58 -7.34 -5.61
CA ALA B 155 -22.57 -8.42 -5.69
C ALA B 155 -22.46 -9.27 -6.96
N GLU B 156 -22.13 -8.64 -8.08
CA GLU B 156 -22.07 -9.38 -9.36
C GLU B 156 -20.82 -10.25 -9.46
N LYS B 157 -19.93 -10.15 -8.48
CA LYS B 157 -18.68 -10.90 -8.56
C LYS B 157 -18.57 -11.97 -7.48
N ILE B 158 -19.55 -12.02 -6.57
CA ILE B 158 -19.51 -13.01 -5.49
C ILE B 158 -20.84 -13.73 -5.27
N LYS B 159 -20.78 -14.91 -4.66
CA LYS B 159 -22.00 -15.64 -4.30
C LYS B 159 -22.19 -15.60 -2.80
N ASP B 160 -21.12 -15.94 -2.08
CA ASP B 160 -21.13 -16.08 -0.63
C ASP B 160 -20.82 -14.75 0.04
N TRP B 161 -21.80 -14.23 0.79
CA TRP B 161 -21.64 -12.98 1.52
C TRP B 161 -21.25 -13.22 2.99
N SER B 162 -21.05 -14.49 3.36
CA SER B 162 -20.85 -14.84 4.77
C SER B 162 -19.72 -14.07 5.43
N ASN B 163 -18.62 -13.90 4.70
CA ASN B 163 -17.44 -13.22 5.26
C ASN B 163 -17.30 -11.78 4.78
N VAL B 164 -18.43 -11.15 4.48
CA VAL B 164 -18.45 -9.75 4.10
C VAL B 164 -19.18 -8.94 5.15
N VAL B 165 -18.61 -7.81 5.50
CA VAL B 165 -19.28 -6.82 6.30
C VAL B 165 -19.34 -5.56 5.44
N VAL B 166 -20.50 -4.95 5.32
CA VAL B 166 -20.64 -3.75 4.51
C VAL B 166 -20.60 -2.50 5.39
N ALA B 167 -19.73 -1.55 5.04
CA ALA B 167 -19.60 -0.32 5.80
C ALA B 167 -20.17 0.85 4.99
N TYR B 168 -21.18 1.52 5.53
CA TYR B 168 -21.72 2.71 4.88
C TYR B 168 -20.97 3.94 5.38
N GLU B 169 -20.29 4.62 4.47
CA GLU B 169 -19.65 5.90 4.80
C GLU B 169 -20.45 7.07 4.27
N PRO B 170 -20.99 7.93 5.18
CA PRO B 170 -21.66 9.14 4.72
C PRO B 170 -20.65 10.19 4.29
N VAL B 171 -20.09 10.03 3.10
CA VAL B 171 -19.01 10.91 2.64
C VAL B 171 -19.52 12.35 2.62
N TRP B 172 -20.82 12.51 2.37
CA TRP B 172 -21.49 13.81 2.41
C TRP B 172 -21.38 14.50 3.76
N ALA B 173 -21.07 13.73 4.80
CA ALA B 173 -20.97 14.25 6.17
C ALA B 173 -19.57 14.00 6.72
N ILE B 174 -18.60 13.87 5.83
CA ILE B 174 -17.22 13.67 6.22
C ILE B 174 -16.37 14.75 5.59
N GLY B 175 -16.00 15.75 6.39
CA GLY B 175 -15.16 16.85 5.91
C GLY B 175 -15.88 17.95 5.14
N THR B 176 -17.20 17.91 5.11
CA THR B 176 -18.00 18.89 4.38
C THR B 176 -18.54 19.99 5.28
N GLY B 177 -18.55 19.73 6.57
CA GLY B 177 -19.19 20.65 7.51
C GLY B 177 -20.59 20.20 7.88
N LYS B 178 -21.13 19.23 7.13
CA LYS B 178 -22.42 18.62 7.48
C LYS B 178 -22.22 17.55 8.53
N VAL B 179 -23.27 17.27 9.29
CA VAL B 179 -23.28 16.11 10.18
C VAL B 179 -24.43 15.20 9.82
N ALA B 180 -24.29 13.93 10.18
CA ALA B 180 -25.36 12.97 9.99
C ALA B 180 -25.98 12.62 11.33
N THR B 181 -27.30 12.54 11.37
CA THR B 181 -28.00 12.07 12.56
C THR B 181 -28.13 10.56 12.53
N PRO B 182 -28.30 9.95 13.71
CA PRO B 182 -28.54 8.51 13.76
C PRO B 182 -29.76 8.11 12.96
N ALA B 183 -30.75 9.00 12.86
CA ALA B 183 -31.93 8.75 12.04
C ALA B 183 -31.58 8.67 10.55
N GLN B 184 -30.70 9.56 10.10
CA GLN B 184 -30.26 9.56 8.72
C GLN B 184 -29.42 8.33 8.40
N ALA B 185 -28.63 7.89 9.37
CA ALA B 185 -27.85 6.66 9.20
C ALA B 185 -28.77 5.46 9.06
N GLN B 186 -29.73 5.37 9.98
CA GLN B 186 -30.72 4.30 9.96
C GLN B 186 -31.45 4.23 8.63
N GLU B 187 -31.80 5.38 8.07
CA GLU B 187 -32.51 5.44 6.79
C GLU B 187 -31.70 4.80 5.66
N VAL B 188 -30.42 5.13 5.59
CA VAL B 188 -29.57 4.59 4.54
C VAL B 188 -29.34 3.11 4.76
N HIS B 189 -29.07 2.73 6.01
CA HIS B 189 -28.81 1.32 6.34
C HIS B 189 -30.02 0.45 6.00
N ALA B 190 -31.22 0.93 6.31
CA ALA B 190 -32.44 0.21 5.97
C ALA B 190 -32.60 0.09 4.45
N SER B 191 -32.34 1.19 3.73
CA SER B 191 -32.45 1.18 2.26
C SER B 191 -31.44 0.23 1.64
N LEU B 192 -30.24 0.22 2.20
CA LEU B 192 -29.20 -0.67 1.70
C LEU B 192 -29.59 -2.12 1.96
N ARG B 193 -30.16 -2.40 3.13
CA ARG B 193 -30.54 -3.78 3.45
C ARG B 193 -31.67 -4.20 2.52
N ASP B 194 -32.58 -3.29 2.22
CA ASP B 194 -33.66 -3.60 1.30
C ASP B 194 -33.12 -3.87 -0.12
N TRP B 195 -32.09 -3.16 -0.52
CA TRP B 195 -31.44 -3.42 -1.81
C TRP B 195 -30.89 -4.85 -1.84
N LEU B 196 -30.23 -5.25 -0.76
CA LEU B 196 -29.68 -6.60 -0.65
C LEU B 196 -30.77 -7.66 -0.74
N LYS B 197 -31.90 -7.38 -0.12
CA LYS B 197 -33.03 -8.31 -0.12
C LYS B 197 -33.45 -8.65 -1.54
N THR B 198 -33.53 -7.63 -2.39
CA THR B 198 -34.00 -7.80 -3.76
C THR B 198 -32.90 -8.27 -4.72
N ASN B 199 -31.70 -7.74 -4.54
CA ASN B 199 -30.64 -7.92 -5.52
C ASN B 199 -29.63 -8.98 -5.16
N ALA B 200 -29.70 -9.49 -3.94
CA ALA B 200 -28.93 -10.69 -3.56
C ALA B 200 -29.94 -11.76 -3.14
N SER B 201 -30.46 -11.63 -1.92
CA SER B 201 -31.51 -12.50 -1.39
C SER B 201 -31.96 -11.98 -0.02
N PRO B 202 -33.17 -12.37 0.42
CA PRO B 202 -33.61 -11.95 1.75
C PRO B 202 -32.71 -12.51 2.84
N GLU B 203 -32.14 -13.68 2.61
CA GLU B 203 -31.25 -14.29 3.59
C GLU B 203 -29.95 -13.51 3.70
N VAL B 204 -29.41 -13.07 2.58
CA VAL B 204 -28.21 -12.24 2.60
C VAL B 204 -28.51 -10.91 3.31
N ALA B 205 -29.67 -10.33 3.04
CA ALA B 205 -30.03 -9.08 3.70
C ALA B 205 -30.11 -9.23 5.21
N GLU B 206 -30.68 -10.34 5.67
CA GLU B 206 -30.86 -10.57 7.10
C GLU B 206 -29.57 -10.89 7.85
N SER B 207 -28.61 -11.50 7.16
CA SER B 207 -27.40 -11.99 7.82
C SER B 207 -26.23 -11.04 7.75
N THR B 208 -26.24 -10.14 6.77
CA THR B 208 -25.08 -9.28 6.52
C THR B 208 -25.02 -8.08 7.47
N ARG B 209 -23.90 -7.90 8.14
CA ARG B 209 -23.71 -6.77 9.01
C ARG B 209 -23.55 -5.53 8.13
N ILE B 210 -24.27 -4.49 8.46
CA ILE B 210 -24.08 -3.20 7.83
C ILE B 210 -23.65 -2.24 8.91
N ILE B 211 -22.40 -1.79 8.85
CA ILE B 211 -21.84 -0.96 9.90
C ILE B 211 -21.70 0.47 9.43
N TYR B 212 -21.77 1.38 10.39
CA TYR B 212 -21.75 2.81 10.12
C TYR B 212 -20.32 3.37 10.17
N GLY B 213 -19.90 4.00 9.08
CA GLY B 213 -18.55 4.52 8.98
C GLY B 213 -18.46 6.02 8.93
N GLY B 214 -19.46 6.69 9.48
CA GLY B 214 -19.39 8.12 9.67
C GLY B 214 -18.71 8.42 11.00
N SER B 215 -18.84 9.65 11.47
CA SER B 215 -18.18 10.05 12.71
C SER B 215 -18.80 9.35 13.91
N VAL B 216 -18.00 8.52 14.58
CA VAL B 216 -18.46 7.84 15.79
C VAL B 216 -17.57 8.24 16.98
N THR B 217 -18.23 8.66 18.05
CA THR B 217 -17.57 9.07 19.29
C THR B 217 -18.20 8.30 20.44
N ALA B 218 -17.58 8.38 21.62
CA ALA B 218 -18.19 7.80 22.82
C ALA B 218 -19.58 8.42 23.04
N ALA B 219 -19.73 9.69 22.65
CA ALA B 219 -20.96 10.43 22.93
C ALA B 219 -22.15 10.03 22.05
N ASN B 220 -21.92 9.53 20.83
CA ASN B 220 -23.05 9.19 19.98
C ASN B 220 -23.15 7.70 19.67
N CYS B 221 -22.23 6.90 20.20
CA CYS B 221 -22.18 5.50 19.76
C CYS B 221 -23.39 4.71 20.25
N LYS B 222 -23.92 5.03 21.44
CA LYS B 222 -25.04 4.24 21.94
C LYS B 222 -26.32 4.49 21.13
N GLU B 223 -26.54 5.75 20.73
CA GLU B 223 -27.70 6.08 19.94
C GLU B 223 -27.61 5.48 18.53
N LEU B 224 -26.40 5.44 17.97
CA LEU B 224 -26.21 4.82 16.67
C LEU B 224 -26.46 3.31 16.77
N ALA B 225 -25.92 2.67 17.82
CA ALA B 225 -26.08 1.24 18.03
C ALA B 225 -27.55 0.88 18.20
N ALA B 226 -28.33 1.79 18.75
CA ALA B 226 -29.74 1.53 19.00
C ALA B 226 -30.56 1.43 17.71
N GLN B 227 -30.02 1.93 16.60
CA GLN B 227 -30.74 1.88 15.32
C GLN B 227 -30.84 0.44 14.83
N PRO B 228 -32.05 0.00 14.44
CA PRO B 228 -32.27 -1.41 14.12
C PRO B 228 -31.42 -1.95 12.97
N ASP B 229 -31.01 -1.12 12.00
CA ASP B 229 -30.26 -1.65 10.86
C ASP B 229 -28.80 -1.24 10.89
N VAL B 230 -28.37 -0.68 12.02
CA VAL B 230 -26.97 -0.37 12.25
C VAL B 230 -26.36 -1.49 13.10
N ASP B 231 -25.44 -2.25 12.52
CA ASP B 231 -24.91 -3.45 13.16
C ASP B 231 -23.54 -3.24 13.78
N GLY B 232 -23.12 -1.98 13.88
CA GLY B 232 -21.79 -1.67 14.39
C GLY B 232 -21.15 -0.48 13.69
N PHE B 233 -19.84 -0.37 13.81
CA PHE B 233 -19.12 0.81 13.34
C PHE B 233 -17.84 0.49 12.61
N LEU B 234 -17.47 1.37 11.68
CA LEU B 234 -16.09 1.46 11.19
C LEU B 234 -15.56 2.80 11.70
N VAL B 235 -14.78 2.74 12.78
CA VAL B 235 -14.37 3.97 13.47
C VAL B 235 -13.09 4.55 12.88
N GLY B 236 -13.06 5.87 12.72
CA GLY B 236 -11.88 6.56 12.25
C GLY B 236 -10.97 6.99 13.38
N GLY B 237 -10.86 8.30 13.58
CA GLY B 237 -9.92 8.87 14.53
C GLY B 237 -9.95 8.34 15.94
N ALA B 238 -11.16 8.08 16.45
CA ALA B 238 -11.32 7.62 17.82
C ALA B 238 -10.71 6.23 18.02
N SER B 239 -10.39 5.55 16.93
CA SER B 239 -9.85 4.20 17.02
C SER B 239 -8.39 4.22 17.51
N LEU B 240 -7.76 5.39 17.49
CA LEU B 240 -6.42 5.59 18.02
C LEU B 240 -6.42 5.93 19.51
N LYS B 241 -7.62 6.10 20.07
CA LYS B 241 -7.77 6.66 21.42
C LYS B 241 -8.41 5.69 22.39
N PRO B 242 -8.25 5.94 23.71
CA PRO B 242 -8.91 5.05 24.68
C PRO B 242 -10.43 5.01 24.52
N GLU B 243 -10.98 6.09 23.95
CA GLU B 243 -12.41 6.20 23.61
C GLU B 243 -12.95 5.03 22.78
N PHE B 244 -12.08 4.37 22.01
CA PHE B 244 -12.46 3.20 21.22
C PHE B 244 -13.05 2.12 22.11
N ILE B 245 -12.55 2.01 23.34
CA ILE B 245 -13.09 1.02 24.27
C ILE B 245 -14.56 1.31 24.59
N ASP B 246 -14.88 2.58 24.81
CA ASP B 246 -16.25 2.97 25.10
C ASP B 246 -17.16 2.65 23.92
N ILE B 247 -16.64 2.87 22.72
CA ILE B 247 -17.41 2.59 21.52
C ILE B 247 -17.71 1.09 21.35
N ILE B 248 -16.72 0.24 21.64
CA ILE B 248 -16.94 -1.20 21.61
C ILE B 248 -18.07 -1.59 22.56
N ASN B 249 -18.11 -0.97 23.74
CA ASN B 249 -19.12 -1.30 24.72
C ASN B 249 -20.55 -0.90 24.32
N ALA B 250 -20.70 -0.14 23.24
CA ALA B 250 -22.02 0.18 22.74
C ALA B 250 -22.73 -1.08 22.21
N ALA B 251 -21.98 -2.18 22.05
CA ALA B 251 -22.57 -3.43 21.60
C ALA B 251 -23.67 -3.91 22.55
N THR B 252 -23.56 -3.55 23.82
CA THR B 252 -24.53 -4.00 24.81
C THR B 252 -25.88 -3.32 24.64
N VAL B 253 -25.92 -2.25 23.85
CA VAL B 253 -27.18 -1.58 23.52
C VAL B 253 -28.12 -2.55 22.80
N LYS B 254 -27.56 -3.44 22.00
CA LYS B 254 -28.36 -4.47 21.32
C LYS B 254 -28.85 -5.52 22.31
#